data_3TPA
#
_entry.id   3TPA
#
_cell.length_a   54.480
_cell.length_b   61.020
_cell.length_c   150.890
_cell.angle_alpha   90.000
_cell.angle_beta   90.000
_cell.angle_gamma   90.000
#
_symmetry.space_group_name_H-M   'P 21 21 21'
#
loop_
_entity.id
_entity.type
_entity.pdbx_description
1 polymer 'Heme-binding protein A'
2 water water
#
_entity_poly.entity_id   1
_entity_poly.type   'polypeptide(L)'
_entity_poly.pdbx_seq_one_letter_code
;MDISAPTNTLVNCIATAPMKLSPAITNDANDFNASSQQVYNRLVEFKAGKIEVEPGLAERWEISEDGLVYTFYLRQNVKF
HSNKTFSPTRPLNADDVVFSFQRQADKNHPYHNVSAGTYFYFNWMNLPSILKSVEKVDDYTVKITLNKPNTPFITTVAMD
FLSIYSKEYADQLLAQGKPETLDQQPIGTGPFIFQTNQTDHAVRYTANVDYWKGKADIERLIFSITPDAGTRYAKLKAGE
CDVIDFPNISDIAQMKKDPQINLLEREGLNLAYIGLNTTKPELNNVKVRQALHHATDKKAIVDAVYQGGGTVATNPFPDA
VLGYNPHLPQYEFNLEKAKALLAEAGYPNGFETEIWVQPVVRPSNPNPRRTAEIIQADWAKIGVKAKLVTHEWADFNKRT
REGEFAAGTYGWTSRNGDPDNFLFPLFSQANIPGTNYSRWTDEKFEALLASAAQIQDTQTRAKLYQQAVEIFQQNSPIIP
FAHSINYVPLNKRVQGFVQNPFGYTAFYGVSLKLEHHHHHH
;
_entity_poly.pdbx_strand_id   A
#
# COMPACT_ATOMS: atom_id res chain seq x y z
N ASN A 8 8.14 -13.20 28.33
CA ASN A 8 7.75 -13.26 26.93
C ASN A 8 8.39 -12.13 26.14
N THR A 9 9.33 -12.48 25.28
CA THR A 9 10.04 -11.51 24.47
C THR A 9 10.03 -11.91 23.00
N LEU A 10 9.26 -11.20 22.17
CA LEU A 10 9.23 -11.49 20.75
C LEU A 10 10.44 -10.88 20.05
N VAL A 11 11.14 -11.70 19.27
CA VAL A 11 12.29 -11.21 18.51
C VAL A 11 11.93 -11.05 17.02
N ASN A 12 11.93 -9.82 16.54
CA ASN A 12 11.58 -9.50 15.15
C ASN A 12 12.85 -9.19 14.39
N CYS A 13 13.22 -10.05 13.46
CA CYS A 13 14.50 -9.91 12.77
C CYS A 13 14.29 -9.25 11.44
N ILE A 14 14.80 -8.03 11.32
CA ILE A 14 14.56 -7.20 10.15
C ILE A 14 15.82 -6.92 9.34
N ALA A 15 15.64 -6.71 8.03
CA ALA A 15 16.76 -6.59 7.10
C ALA A 15 17.53 -5.29 7.22
N THR A 16 16.82 -4.18 7.47
CA THR A 16 17.51 -2.89 7.56
C THR A 16 17.06 -2.06 8.75
N ALA A 17 17.92 -1.16 9.21
CA ALA A 17 17.60 -0.32 10.36
C ALA A 17 16.55 0.71 9.95
N PRO A 18 15.52 0.93 10.79
CA PRO A 18 14.52 1.93 10.38
C PRO A 18 15.10 3.34 10.38
N MET A 19 14.96 4.05 9.26
CA MET A 19 15.51 5.39 9.12
CA MET A 19 15.51 5.39 9.12
C MET A 19 14.78 6.43 9.99
N LYS A 20 13.45 6.38 9.99
CA LYS A 20 12.66 7.37 10.72
C LYS A 20 11.68 6.72 11.71
N LEU A 21 11.67 7.19 12.96
CA LEU A 21 10.70 6.69 13.94
C LEU A 21 9.52 7.65 14.12
N SER A 22 9.15 8.33 13.04
CA SER A 22 8.07 9.31 13.08
C SER A 22 7.20 9.11 11.85
N PRO A 23 6.01 8.49 12.03
CA PRO A 23 5.15 8.16 10.89
C PRO A 23 4.75 9.33 10.01
N ALA A 24 4.56 10.53 10.56
CA ALA A 24 4.13 11.66 9.73
C ALA A 24 5.12 11.96 8.60
N ILE A 25 6.40 11.70 8.84
CA ILE A 25 7.45 12.11 7.88
C ILE A 25 8.20 10.96 7.23
N THR A 26 7.56 9.81 7.16
CA THR A 26 8.20 8.60 6.66
C THR A 26 7.88 8.39 5.20
N ASN A 27 8.90 7.96 4.46
CA ASN A 27 8.81 7.72 3.03
C ASN A 27 8.72 6.24 2.79
N ASP A 28 9.55 5.52 3.53
CA ASP A 28 9.69 4.07 3.43
C ASP A 28 8.69 3.37 4.34
N ALA A 29 7.65 2.78 3.75
CA ALA A 29 6.58 2.16 4.54
C ALA A 29 7.11 1.16 5.60
N ASN A 30 8.28 0.61 5.36
CA ASN A 30 8.86 -0.30 6.33
C ASN A 30 9.19 0.31 7.71
N ASP A 31 9.44 1.62 7.78
CA ASP A 31 9.67 2.34 9.05
C ASP A 31 8.45 2.33 9.97
N PHE A 32 7.28 2.23 9.38
CA PHE A 32 6.02 2.23 10.11
C PHE A 32 5.96 1.09 11.12
N ASN A 33 6.55 -0.05 10.78
CA ASN A 33 6.52 -1.20 11.66
C ASN A 33 7.22 -0.91 12.99
N ALA A 34 8.20 -0.02 12.96
CA ALA A 34 8.97 0.37 14.15
C ALA A 34 8.34 1.53 14.92
N SER A 35 7.36 2.23 14.33
CA SER A 35 6.74 3.36 15.02
C SER A 35 5.21 3.27 15.12
N SER A 36 4.51 3.72 14.09
CA SER A 36 3.06 3.78 14.12
C SER A 36 2.41 2.45 14.52
N GLN A 37 3.03 1.34 14.11
CA GLN A 37 2.41 0.04 14.26
C GLN A 37 2.44 -0.44 15.70
N GLN A 38 3.42 0.03 16.49
CA GLN A 38 3.54 -0.43 17.88
C GLN A 38 3.28 0.68 18.90
N VAL A 39 3.69 1.90 18.57
CA VAL A 39 3.77 3.00 19.52
C VAL A 39 2.58 3.99 19.48
N TYR A 40 1.92 4.10 18.33
CA TYR A 40 0.85 5.09 18.12
C TYR A 40 -0.52 4.46 17.85
N ASN A 41 -1.55 5.31 17.83
CA ASN A 41 -2.90 4.95 17.35
C ASN A 41 -3.37 5.96 16.35
N ARG A 42 -4.42 5.61 15.61
CA ARG A 42 -5.10 6.53 14.69
C ARG A 42 -6.52 6.75 15.16
N LEU A 43 -7.22 7.71 14.56
CA LEU A 43 -8.60 8.01 14.92
C LEU A 43 -9.47 6.76 14.78
N VAL A 44 -9.39 6.12 13.62
CA VAL A 44 -9.97 4.79 13.41
C VAL A 44 -8.88 3.85 12.90
N GLU A 45 -9.02 2.55 13.13
CA GLU A 45 -7.96 1.59 12.80
C GLU A 45 -8.53 0.51 11.89
N PHE A 46 -7.69 -0.09 11.03
CA PHE A 46 -8.17 -1.19 10.19
C PHE A 46 -8.45 -2.44 11.06
N LYS A 47 -9.58 -3.08 10.88
CA LYS A 47 -9.83 -4.36 11.55
C LYS A 47 -8.71 -5.30 11.12
N ALA A 48 -8.28 -6.19 12.02
CA ALA A 48 -7.18 -7.11 11.73
C ALA A 48 -7.40 -7.90 10.44
N GLY A 49 -6.42 -7.88 9.56
CA GLY A 49 -6.48 -8.63 8.31
C GLY A 49 -7.43 -8.06 7.28
N LYS A 50 -8.01 -6.90 7.56
CA LYS A 50 -9.07 -6.36 6.73
C LYS A 50 -8.78 -4.93 6.27
N ILE A 51 -9.54 -4.45 5.28
CA ILE A 51 -9.39 -3.07 4.82
C ILE A 51 -10.48 -2.16 5.41
N GLU A 52 -11.48 -2.75 6.05
CA GLU A 52 -12.49 -1.97 6.74
C GLU A 52 -12.00 -1.47 8.11
N VAL A 53 -12.53 -0.33 8.54
CA VAL A 53 -12.05 0.34 9.75
C VAL A 53 -12.98 0.07 10.94
N GLU A 54 -12.48 0.29 12.15
CA GLU A 54 -13.27 0.19 13.37
C GLU A 54 -12.80 1.33 14.27
N PRO A 55 -13.52 1.60 15.38
CA PRO A 55 -13.11 2.70 16.28
C PRO A 55 -11.68 2.60 16.81
N GLY A 56 -10.97 3.73 16.84
CA GLY A 56 -9.64 3.80 17.42
C GLY A 56 -9.63 4.84 18.54
N LEU A 57 -8.90 5.94 18.34
CA LEU A 57 -8.92 7.01 19.33
C LEU A 57 -10.25 7.77 19.27
N ALA A 58 -10.95 7.67 18.14
CA ALA A 58 -12.34 8.09 18.08
C ALA A 58 -13.20 6.90 18.48
N GLU A 59 -14.00 7.07 19.53
CA GLU A 59 -14.84 5.97 19.99
C GLU A 59 -15.97 5.81 18.99
N ARG A 60 -16.35 6.89 18.34
CA ARG A 60 -17.33 6.82 17.27
C ARG A 60 -17.21 8.02 16.35
N TRP A 61 -17.86 7.96 15.20
CA TRP A 61 -17.83 9.06 14.24
C TRP A 61 -19.11 9.13 13.43
N GLU A 62 -19.39 10.32 12.90
CA GLU A 62 -20.56 10.57 12.08
C GLU A 62 -20.12 11.25 10.78
N ILE A 63 -20.80 10.91 9.70
CA ILE A 63 -20.54 11.56 8.42
C ILE A 63 -21.83 12.22 7.95
N SER A 64 -21.76 13.50 7.62
CA SER A 64 -22.94 14.24 7.19
C SER A 64 -23.51 13.65 5.91
N GLU A 65 -24.77 14.00 5.63
CA GLU A 65 -25.49 13.50 4.46
C GLU A 65 -24.68 13.67 3.17
N ASP A 66 -24.18 14.88 2.93
CA ASP A 66 -23.42 15.18 1.72
C ASP A 66 -21.98 14.61 1.65
N GLY A 67 -21.54 13.95 2.71
CA GLY A 67 -20.20 13.36 2.72
C GLY A 67 -19.06 14.35 2.91
N LEU A 68 -19.39 15.58 3.25
CA LEU A 68 -18.38 16.65 3.40
C LEU A 68 -17.79 16.80 4.79
N VAL A 69 -18.54 16.41 5.82
CA VAL A 69 -18.13 16.68 7.19
C VAL A 69 -18.01 15.41 8.01
N TYR A 70 -16.81 15.19 8.56
CA TYR A 70 -16.53 14.04 9.40
C TYR A 70 -16.38 14.51 10.85
N THR A 71 -17.19 13.96 11.74
CA THR A 71 -17.11 14.36 13.15
C THR A 71 -16.67 13.20 13.99
N PHE A 72 -15.52 13.34 14.65
CA PHE A 72 -14.95 12.27 15.45
C PHE A 72 -15.12 12.59 16.91
N TYR A 73 -15.73 11.68 17.65
CA TYR A 73 -15.91 11.82 19.10
C TYR A 73 -14.85 10.98 19.81
N LEU A 74 -13.94 11.65 20.51
CA LEU A 74 -12.76 11.00 21.05
C LEU A 74 -13.00 10.19 22.34
N ARG A 75 -12.44 8.98 22.36
CA ARG A 75 -12.37 8.11 23.54
C ARG A 75 -11.82 8.89 24.73
N GLN A 76 -12.39 8.71 25.91
CA GLN A 76 -11.89 9.45 27.07
C GLN A 76 -10.88 8.66 27.88
N ASN A 77 -10.03 9.38 28.63
CA ASN A 77 -9.07 8.80 29.58
C ASN A 77 -8.00 7.95 28.92
N VAL A 78 -7.61 8.37 27.71
CA VAL A 78 -6.54 7.71 26.99
C VAL A 78 -5.23 8.44 27.33
N LYS A 79 -4.25 7.71 27.82
CA LYS A 79 -2.99 8.32 28.25
C LYS A 79 -1.88 8.15 27.24
N PHE A 80 -1.06 9.19 27.10
CA PHE A 80 0.18 9.11 26.35
C PHE A 80 1.23 8.44 27.23
N HIS A 81 2.21 7.80 26.61
CA HIS A 81 3.32 7.20 27.35
C HIS A 81 4.13 8.31 27.99
N SER A 82 5.01 7.94 28.90
CA SER A 82 5.95 8.89 29.44
C SER A 82 7.35 8.35 29.27
N ASN A 83 8.33 9.24 29.29
CA ASN A 83 9.72 8.81 29.36
C ASN A 83 10.43 9.70 30.36
N LYS A 84 11.74 9.62 30.45
CA LYS A 84 12.45 10.37 31.49
C LYS A 84 12.43 11.87 31.22
N THR A 85 12.08 12.24 30.00
CA THR A 85 12.01 13.65 29.58
C THR A 85 10.59 14.21 29.66
N PHE A 86 9.59 13.34 29.64
CA PHE A 86 8.20 13.77 29.53
C PHE A 86 7.20 12.93 30.32
N SER A 87 6.34 13.61 31.06
CA SER A 87 5.21 12.94 31.71
C SER A 87 3.94 13.74 31.45
N PRO A 88 2.94 13.12 30.81
CA PRO A 88 1.74 13.89 30.47
C PRO A 88 0.92 14.22 31.71
N THR A 89 0.19 15.34 31.66
CA THR A 89 -0.66 15.74 32.77
C THR A 89 -2.14 15.65 32.43
N ARG A 90 -2.44 15.41 31.16
CA ARG A 90 -3.82 15.22 30.72
C ARG A 90 -3.91 14.09 29.70
N PRO A 91 -5.11 13.50 29.55
CA PRO A 91 -5.33 12.47 28.53
C PRO A 91 -5.37 13.09 27.14
N LEU A 92 -5.29 12.23 26.14
CA LEU A 92 -5.50 12.63 24.75
C LEU A 92 -6.74 13.52 24.62
N ASN A 93 -6.64 14.55 23.79
CA ASN A 93 -7.82 15.33 23.41
C ASN A 93 -7.69 15.87 21.99
N ALA A 94 -8.63 16.72 21.61
CA ALA A 94 -8.72 17.24 20.25
C ALA A 94 -7.52 18.08 19.86
N ASP A 95 -6.89 18.75 20.83
CA ASP A 95 -5.67 19.52 20.53
C ASP A 95 -4.61 18.62 19.90
N ASP A 96 -4.47 17.40 20.43
CA ASP A 96 -3.47 16.46 19.90
C ASP A 96 -3.79 16.05 18.47
N VAL A 97 -5.06 15.80 18.19
CA VAL A 97 -5.49 15.45 16.83
C VAL A 97 -5.24 16.60 15.85
N VAL A 98 -5.64 17.80 16.24
CA VAL A 98 -5.48 18.97 15.38
C VAL A 98 -4.00 19.22 15.11
N PHE A 99 -3.20 19.14 16.16
CA PHE A 99 -1.74 19.23 15.99
C PHE A 99 -1.21 18.24 14.94
N SER A 100 -1.65 16.98 15.02
CA SER A 100 -1.08 15.93 14.19
C SER A 100 -1.40 16.14 12.71
N PHE A 101 -2.63 16.57 12.44
CA PHE A 101 -3.05 16.90 11.08
C PHE A 101 -2.39 18.19 10.60
N GLN A 102 -2.42 19.21 11.44
CA GLN A 102 -2.01 20.54 11.01
C GLN A 102 -0.50 20.69 10.80
N ARG A 103 0.31 19.94 11.55
CA ARG A 103 1.74 19.96 11.33
C ARG A 103 1.98 19.72 9.84
N GLN A 104 1.15 18.84 9.29
CA GLN A 104 1.27 18.41 7.92
C GLN A 104 0.62 19.38 6.94
N ALA A 105 -0.60 19.80 7.21
CA ALA A 105 -1.39 20.56 6.23
C ALA A 105 -1.09 22.05 6.17
N ASP A 106 -0.59 22.59 7.26
CA ASP A 106 -0.35 24.02 7.39
C ASP A 106 1.13 24.28 7.24
N LYS A 107 1.54 24.83 6.11
CA LYS A 107 2.97 25.11 5.87
C LYS A 107 3.60 26.06 6.90
N ASN A 108 2.77 26.88 7.56
CA ASN A 108 3.28 27.83 8.55
C ASN A 108 3.39 27.25 9.96
N HIS A 109 2.86 26.05 10.14
CA HIS A 109 2.85 25.42 11.44
C HIS A 109 4.27 25.35 11.96
N PRO A 110 4.48 25.66 13.24
CA PRO A 110 5.82 25.63 13.85
C PRO A 110 6.52 24.27 13.72
N TYR A 111 5.79 23.17 13.66
CA TYR A 111 6.45 21.86 13.54
C TYR A 111 6.57 21.39 12.10
N HIS A 112 6.07 22.18 11.15
CA HIS A 112 6.02 21.77 9.75
C HIS A 112 7.40 21.44 9.15
N ASN A 113 8.43 22.16 9.58
CA ASN A 113 9.80 21.95 9.08
C ASN A 113 10.73 21.36 10.13
N VAL A 114 10.16 20.96 11.25
CA VAL A 114 10.95 20.29 12.25
C VAL A 114 11.41 18.97 11.65
N SER A 115 12.67 18.64 11.89
CA SER A 115 13.29 17.46 11.31
C SER A 115 13.41 17.54 9.80
N ALA A 116 13.28 18.74 9.24
CA ALA A 116 13.37 18.89 7.81
C ALA A 116 12.37 17.90 7.20
N GLY A 117 11.25 17.74 7.89
CA GLY A 117 10.26 16.74 7.55
C GLY A 117 9.56 16.97 6.21
N THR A 118 9.20 15.87 5.56
CA THR A 118 8.48 15.87 4.29
C THR A 118 7.26 14.98 4.45
N TYR A 119 6.09 15.48 4.05
CA TYR A 119 4.86 14.76 4.35
C TYR A 119 4.43 13.94 3.15
N PHE A 120 5.24 12.93 2.87
CA PHE A 120 5.08 12.09 1.70
C PHE A 120 3.66 11.56 1.58
N TYR A 121 3.11 11.04 2.66
CA TYR A 121 1.82 10.37 2.57
C TYR A 121 0.68 11.39 2.50
N PHE A 122 0.79 12.46 3.27
CA PHE A 122 -0.22 13.52 3.17
C PHE A 122 -0.45 13.89 1.70
N ASN A 123 0.65 14.03 0.95
CA ASN A 123 0.58 14.39 -0.47
C ASN A 123 0.18 13.23 -1.38
N TRP A 124 0.73 12.05 -1.10
CA TRP A 124 0.38 10.88 -1.91
C TRP A 124 -1.13 10.58 -1.87
N MET A 125 -1.75 10.82 -0.71
CA MET A 125 -3.19 10.60 -0.54
C MET A 125 -4.03 11.84 -0.89
N ASN A 126 -3.38 12.84 -1.48
CA ASN A 126 -4.07 14.00 -2.03
C ASN A 126 -4.84 14.81 -1.01
N LEU A 127 -4.40 14.79 0.24
CA LEU A 127 -5.07 15.61 1.25
C LEU A 127 -4.94 17.11 1.03
N PRO A 128 -3.84 17.58 0.41
CA PRO A 128 -3.79 19.03 0.25
C PRO A 128 -5.01 19.55 -0.52
N SER A 129 -5.56 18.72 -1.38
CA SER A 129 -6.67 19.13 -2.23
C SER A 129 -8.01 18.59 -1.73
N ILE A 130 -7.97 17.48 -0.99
CA ILE A 130 -9.19 16.87 -0.46
C ILE A 130 -9.62 17.51 0.86
N LEU A 131 -8.64 17.88 1.69
CA LEU A 131 -8.91 18.34 3.04
C LEU A 131 -9.19 19.83 3.12
N LYS A 132 -10.35 20.23 3.63
CA LYS A 132 -10.59 21.65 3.77
C LYS A 132 -10.14 22.14 5.13
N SER A 133 -10.47 21.39 6.18
CA SER A 133 -10.17 21.87 7.52
C SER A 133 -10.31 20.80 8.59
N VAL A 134 -9.52 20.96 9.64
CA VAL A 134 -9.53 20.10 10.82
C VAL A 134 -9.67 21.01 12.04
N GLU A 135 -10.81 20.97 12.69
CA GLU A 135 -11.12 21.90 13.76
C GLU A 135 -11.52 21.20 15.05
N LYS A 136 -11.15 21.80 16.17
CA LYS A 136 -11.63 21.39 17.48
C LYS A 136 -13.01 21.95 17.71
N VAL A 137 -13.98 21.07 17.96
CA VAL A 137 -15.32 21.50 18.34
C VAL A 137 -15.41 21.67 19.84
N ASP A 138 -14.89 20.68 20.57
CA ASP A 138 -14.61 20.83 21.98
C ASP A 138 -13.49 19.86 22.27
N ASP A 139 -13.15 19.65 23.54
CA ASP A 139 -11.95 18.88 23.83
C ASP A 139 -12.02 17.43 23.40
N TYR A 140 -13.24 16.91 23.21
CA TYR A 140 -13.36 15.52 22.78
C TYR A 140 -14.07 15.34 21.43
N THR A 141 -14.12 16.40 20.64
CA THR A 141 -14.82 16.36 19.36
C THR A 141 -14.02 17.08 18.27
N VAL A 142 -13.68 16.37 17.20
CA VAL A 142 -12.89 16.94 16.10
C VAL A 142 -13.72 16.95 14.82
N LYS A 143 -13.85 18.11 14.18
CA LYS A 143 -14.62 18.21 12.96
C LYS A 143 -13.71 18.36 11.75
N ILE A 144 -13.80 17.42 10.81
CA ILE A 144 -13.00 17.50 9.60
C ILE A 144 -13.92 17.73 8.43
N THR A 145 -13.62 18.75 7.63
CA THR A 145 -14.44 19.08 6.46
C THR A 145 -13.66 18.90 5.18
N LEU A 146 -14.28 18.28 4.18
CA LEU A 146 -13.62 18.06 2.88
C LEU A 146 -14.03 19.08 1.82
N ASN A 147 -13.16 19.30 0.84
CA ASN A 147 -13.48 20.15 -0.29
C ASN A 147 -14.52 19.50 -1.20
N LYS A 148 -14.50 18.18 -1.30
CA LYS A 148 -15.56 17.46 -2.01
C LYS A 148 -15.72 16.09 -1.38
N PRO A 149 -16.86 15.43 -1.63
CA PRO A 149 -17.06 14.15 -0.97
C PRO A 149 -16.04 13.14 -1.42
N ASN A 150 -15.59 12.29 -0.51
CA ASN A 150 -14.60 11.31 -0.82
C ASN A 150 -14.71 10.14 0.14
N THR A 151 -15.46 9.11 -0.25
CA THR A 151 -15.69 7.99 0.64
C THR A 151 -14.41 7.29 1.18
N PRO A 152 -13.37 7.17 0.36
CA PRO A 152 -12.14 6.52 0.83
C PRO A 152 -11.45 7.26 1.97
N PHE A 153 -11.81 8.52 2.19
CA PHE A 153 -11.20 9.30 3.25
C PHE A 153 -11.21 8.61 4.61
N ILE A 154 -12.32 7.95 4.96
CA ILE A 154 -12.37 7.22 6.24
C ILE A 154 -11.22 6.19 6.38
N THR A 155 -10.89 5.51 5.30
CA THR A 155 -9.74 4.59 5.35
C THR A 155 -8.40 5.32 5.37
N THR A 156 -8.33 6.47 4.70
CA THR A 156 -7.11 7.27 4.79
C THR A 156 -6.79 7.64 6.25
N VAL A 157 -7.82 7.93 7.03
CA VAL A 157 -7.68 8.34 8.43
C VAL A 157 -7.04 7.23 9.31
N ALA A 158 -7.15 5.98 8.85
CA ALA A 158 -6.59 4.83 9.55
C ALA A 158 -5.14 4.53 9.14
N MET A 159 -4.61 5.29 8.20
CA MET A 159 -3.27 5.04 7.72
C MET A 159 -2.23 5.55 8.70
N ASP A 160 -1.07 4.91 8.69
CA ASP A 160 0.01 5.19 9.65
C ASP A 160 0.45 6.64 9.76
N PHE A 161 0.49 7.34 8.64
CA PHE A 161 0.95 8.74 8.63
C PHE A 161 0.05 9.67 9.44
N LEU A 162 -1.18 9.21 9.73
CA LEU A 162 -2.10 10.01 10.54
C LEU A 162 -2.17 9.54 12.00
N SER A 163 -1.08 8.94 12.47
CA SER A 163 -0.92 8.61 13.88
C SER A 163 -1.02 9.87 14.70
N ILE A 164 -1.59 9.76 15.90
CA ILE A 164 -1.80 10.94 16.73
C ILE A 164 -0.66 11.10 17.73
N TYR A 165 0.05 12.22 17.58
CA TYR A 165 1.13 12.62 18.48
C TYR A 165 0.60 13.43 19.66
N SER A 166 1.46 13.67 20.63
CA SER A 166 1.08 14.41 21.82
C SER A 166 1.49 15.87 21.63
N LYS A 167 0.52 16.78 21.67
CA LYS A 167 0.86 18.19 21.58
C LYS A 167 1.52 18.66 22.86
N GLU A 168 1.14 18.09 24.00
CA GLU A 168 1.76 18.49 25.27
C GLU A 168 3.28 18.24 25.20
N TYR A 169 3.65 17.05 24.74
CA TYR A 169 5.04 16.68 24.52
C TYR A 169 5.67 17.61 23.49
N ALA A 170 4.98 17.83 22.38
CA ALA A 170 5.49 18.73 21.33
C ALA A 170 5.67 20.17 21.86
N ASP A 171 4.70 20.65 22.62
CA ASP A 171 4.83 21.98 23.22
C ASP A 171 6.07 22.02 24.11
N GLN A 172 6.23 21.02 24.97
CA GLN A 172 7.36 20.99 25.90
C GLN A 172 8.69 21.03 25.17
N LEU A 173 8.81 20.21 24.13
CA LEU A 173 10.07 20.09 23.39
C LEU A 173 10.43 21.37 22.67
N LEU A 174 9.42 22.05 22.13
CA LEU A 174 9.65 23.30 21.42
C LEU A 174 10.21 24.30 22.42
N ALA A 175 9.50 24.42 23.55
CA ALA A 175 9.95 25.24 24.67
C ALA A 175 11.36 24.90 25.11
N GLN A 176 11.70 23.62 25.07
CA GLN A 176 13.02 23.16 25.53
C GLN A 176 14.08 23.31 24.44
N GLY A 177 13.66 23.77 23.27
CA GLY A 177 14.58 23.98 22.17
C GLY A 177 15.02 22.72 21.45
N LYS A 178 14.29 21.63 21.64
CA LYS A 178 14.60 20.38 20.92
C LYS A 178 13.37 19.66 20.33
N PRO A 179 12.70 20.32 19.38
CA PRO A 179 11.47 19.78 18.78
C PRO A 179 11.76 18.50 18.00
N GLU A 180 13.01 18.34 17.56
CA GLU A 180 13.39 17.13 16.83
C GLU A 180 13.10 15.88 17.63
N THR A 181 13.14 16.02 18.95
CA THR A 181 12.95 14.86 19.82
C THR A 181 11.58 14.23 19.59
N LEU A 182 10.63 15.01 19.09
CA LEU A 182 9.28 14.52 18.84
C LEU A 182 9.35 13.38 17.84
N ASP A 183 10.25 13.52 16.88
CA ASP A 183 10.36 12.53 15.82
C ASP A 183 11.31 11.37 16.16
N GLN A 184 12.27 11.63 17.05
CA GLN A 184 13.32 10.66 17.35
C GLN A 184 13.03 9.81 18.56
N GLN A 185 12.24 10.33 19.49
CA GLN A 185 11.90 9.60 20.71
C GLN A 185 10.39 9.56 20.82
N PRO A 186 9.76 8.63 20.09
CA PRO A 186 8.30 8.66 19.93
C PRO A 186 7.53 8.39 21.20
N ILE A 187 6.46 9.15 21.39
CA ILE A 187 5.54 9.01 22.52
C ILE A 187 4.16 8.91 21.92
N GLY A 188 3.43 7.85 22.23
CA GLY A 188 2.08 7.74 21.73
C GLY A 188 1.12 7.14 22.70
N THR A 189 -0.02 6.70 22.20
CA THR A 189 -1.02 6.08 23.05
C THR A 189 -1.01 4.57 22.85
N GLY A 190 -0.11 4.09 21.98
CA GLY A 190 -0.16 2.73 21.48
C GLY A 190 0.19 1.63 22.47
N PRO A 191 0.08 0.37 22.01
CA PRO A 191 0.26 -0.84 22.83
C PRO A 191 1.68 -1.10 23.29
N PHE A 192 2.67 -0.49 22.64
CA PHE A 192 4.06 -0.65 23.07
C PHE A 192 4.75 0.69 23.27
N ILE A 193 5.68 0.71 24.22
CA ILE A 193 6.48 1.89 24.56
C ILE A 193 7.90 1.76 24.04
N PHE A 194 8.36 2.76 23.29
CA PHE A 194 9.74 2.79 22.81
C PHE A 194 10.71 2.95 23.98
N GLN A 195 11.56 1.95 24.19
CA GLN A 195 12.56 2.03 25.25
C GLN A 195 13.60 3.11 24.94
N THR A 196 13.74 4.07 25.84
CA THR A 196 14.67 5.19 25.63
C THR A 196 16.13 4.76 25.64
N ASN A 197 16.42 3.72 26.43
CA ASN A 197 17.74 3.09 26.42
C ASN A 197 17.86 2.10 25.26
N GLN A 198 18.66 2.46 24.27
CA GLN A 198 18.77 1.69 23.05
C GLN A 198 20.20 1.36 22.70
N THR A 199 20.39 0.21 22.07
CA THR A 199 21.71 -0.25 21.65
C THR A 199 21.77 -0.30 20.13
N ASP A 200 22.96 -0.46 19.57
CA ASP A 200 23.07 -0.48 18.12
C ASP A 200 22.70 -1.84 17.51
N HIS A 201 22.17 -1.79 16.30
CA HIS A 201 21.68 -2.97 15.60
C HIS A 201 20.35 -3.49 16.20
N ALA A 202 19.68 -2.68 17.02
CA ALA A 202 18.41 -3.10 17.61
C ALA A 202 17.45 -1.98 18.04
N VAL A 203 16.14 -2.25 17.91
CA VAL A 203 15.12 -1.35 18.47
C VAL A 203 14.29 -2.10 19.52
N ARG A 204 14.20 -1.55 20.72
CA ARG A 204 13.56 -2.26 21.83
C ARG A 204 12.27 -1.61 22.34
N TYR A 205 11.28 -2.43 22.67
CA TYR A 205 9.99 -1.94 23.15
C TYR A 205 9.53 -2.72 24.37
N THR A 206 8.70 -2.07 25.18
CA THR A 206 8.05 -2.69 26.32
CA THR A 206 8.13 -2.74 26.35
C THR A 206 6.54 -2.48 26.25
N ALA A 207 5.78 -3.45 26.73
CA ALA A 207 4.32 -3.32 26.71
C ALA A 207 3.85 -2.14 27.55
N ASN A 208 2.84 -1.45 27.03
CA ASN A 208 2.15 -0.38 27.74
C ASN A 208 1.06 -0.96 28.64
N VAL A 209 1.25 -0.83 29.96
CA VAL A 209 0.30 -1.39 30.89
C VAL A 209 -1.06 -0.67 30.83
N ASP A 210 -1.03 0.60 30.47
CA ASP A 210 -2.22 1.43 30.51
C ASP A 210 -3.01 1.46 29.20
N TYR A 211 -2.56 0.71 28.22
CA TYR A 211 -3.20 0.67 26.90
C TYR A 211 -4.69 0.49 27.02
N TRP A 212 -5.43 1.35 26.32
CA TRP A 212 -6.87 1.43 26.46
C TRP A 212 -7.61 0.15 26.09
N LYS A 213 -7.05 -0.63 25.17
CA LYS A 213 -7.64 -1.90 24.73
C LYS A 213 -7.31 -3.04 25.70
N GLY A 214 -6.51 -2.75 26.72
CA GLY A 214 -5.99 -3.77 27.60
C GLY A 214 -4.53 -4.07 27.24
N LYS A 215 -3.73 -4.37 28.25
CA LYS A 215 -2.30 -4.61 28.06
C LYS A 215 -2.00 -5.79 27.13
N ALA A 216 -0.99 -5.62 26.28
CA ALA A 216 -0.57 -6.67 25.34
C ALA A 216 -0.06 -7.91 26.05
N ASP A 217 -0.16 -9.06 25.37
CA ASP A 217 0.28 -10.32 25.96
C ASP A 217 1.80 -10.39 26.05
N ILE A 218 2.48 -9.76 25.10
CA ILE A 218 3.95 -9.80 25.07
C ILE A 218 4.59 -8.62 25.81
N GLU A 219 5.46 -8.92 26.76
CA GLU A 219 6.06 -7.87 27.59
C GLU A 219 7.20 -7.10 26.94
N ARG A 220 7.98 -7.75 26.09
CA ARG A 220 9.13 -7.08 25.44
C ARG A 220 9.27 -7.46 23.96
N LEU A 221 9.57 -6.46 23.17
CA LEU A 221 9.69 -6.59 21.73
C LEU A 221 11.10 -6.18 21.36
N ILE A 222 11.83 -7.06 20.67
CA ILE A 222 13.13 -6.69 20.13
C ILE A 222 13.13 -6.76 18.62
N PHE A 223 13.38 -5.62 17.97
CA PHE A 223 13.63 -5.60 16.54
C PHE A 223 15.15 -5.72 16.31
N SER A 224 15.60 -6.90 15.87
CA SER A 224 17.03 -7.14 15.65
CA SER A 224 17.03 -7.14 15.65
C SER A 224 17.42 -7.02 14.19
N ILE A 225 18.27 -6.06 13.87
CA ILE A 225 18.69 -5.88 12.47
C ILE A 225 19.59 -7.02 12.04
N THR A 226 19.13 -7.76 11.04
CA THR A 226 19.77 -8.98 10.60
C THR A 226 19.76 -8.93 9.09
N PRO A 227 20.82 -8.36 8.50
CA PRO A 227 20.79 -7.94 7.09
C PRO A 227 20.71 -9.04 6.04
N ASP A 228 21.10 -10.28 6.35
CA ASP A 228 21.17 -11.31 5.32
C ASP A 228 19.95 -12.24 5.32
N ALA A 229 19.30 -12.37 4.17
CA ALA A 229 18.06 -13.16 4.05
C ALA A 229 18.24 -14.61 4.49
N GLY A 230 19.36 -15.21 4.09
CA GLY A 230 19.66 -16.60 4.42
C GLY A 230 19.81 -16.77 5.91
N THR A 231 20.43 -15.78 6.54
CA THR A 231 20.67 -15.81 7.98
C THR A 231 19.38 -15.65 8.76
N ARG A 232 18.52 -14.74 8.31
CA ARG A 232 17.19 -14.59 8.89
C ARG A 232 16.45 -15.94 8.86
N TYR A 233 16.42 -16.59 7.70
CA TYR A 233 15.78 -17.91 7.58
C TYR A 233 16.38 -18.90 8.60
N ALA A 234 17.70 -19.07 8.56
CA ALA A 234 18.39 -20.02 9.44
C ALA A 234 18.01 -19.77 10.90
N LYS A 235 18.02 -18.51 11.31
CA LYS A 235 17.75 -18.18 12.72
C LYS A 235 16.31 -18.44 13.09
N LEU A 236 15.43 -18.29 12.11
CA LEU A 236 13.99 -18.51 12.34
C LEU A 236 13.76 -19.98 12.66
N LYS A 237 14.31 -20.86 11.84
CA LYS A 237 14.29 -22.30 12.13
C LYS A 237 14.85 -22.57 13.52
N ALA A 238 15.98 -21.95 13.81
CA ALA A 238 16.65 -22.10 15.10
C ALA A 238 15.89 -21.48 16.29
N GLY A 239 14.81 -20.76 16.02
CA GLY A 239 14.08 -20.06 17.07
C GLY A 239 14.84 -18.88 17.66
N GLU A 240 15.87 -18.42 16.96
CA GLU A 240 16.61 -17.23 17.40
C GLU A 240 15.95 -15.97 16.84
N CYS A 241 14.99 -16.19 15.94
CA CYS A 241 14.09 -15.16 15.44
C CYS A 241 12.68 -15.72 15.56
N ASP A 242 11.74 -14.84 15.92
CA ASP A 242 10.32 -15.24 15.91
C ASP A 242 9.61 -14.83 14.62
N VAL A 243 10.07 -13.74 14.00
CA VAL A 243 9.49 -13.25 12.76
C VAL A 243 10.65 -12.77 11.91
N ILE A 244 10.56 -12.92 10.59
CA ILE A 244 11.54 -12.31 9.70
C ILE A 244 10.85 -11.55 8.58
N ASP A 245 11.56 -10.59 8.00
CA ASP A 245 11.05 -9.88 6.84
C ASP A 245 11.89 -10.20 5.60
N PHE A 246 11.42 -9.72 4.45
CA PHE A 246 12.09 -9.94 3.15
C PHE A 246 12.77 -11.31 3.02
N PRO A 247 11.99 -12.40 3.19
CA PRO A 247 12.54 -13.73 2.93
C PRO A 247 12.95 -13.89 1.47
N ASN A 248 14.11 -14.49 1.21
CA ASN A 248 14.47 -14.83 -0.15
CA ASN A 248 14.46 -14.83 -0.17
C ASN A 248 13.41 -15.77 -0.73
N ILE A 249 12.93 -15.47 -1.92
CA ILE A 249 11.90 -16.29 -2.56
C ILE A 249 12.36 -17.74 -2.75
N SER A 250 13.66 -17.92 -2.97
CA SER A 250 14.27 -19.24 -3.12
C SER A 250 14.00 -20.13 -1.92
N ASP A 251 13.82 -19.53 -0.75
CA ASP A 251 13.63 -20.26 0.50
C ASP A 251 12.17 -20.59 0.80
N ILE A 252 11.24 -19.95 0.11
CA ILE A 252 9.82 -20.10 0.43
C ILE A 252 9.31 -21.54 0.36
N ALA A 253 9.64 -22.21 -0.74
CA ALA A 253 9.21 -23.59 -0.94
C ALA A 253 9.63 -24.52 0.21
N GLN A 254 10.87 -24.42 0.64
CA GLN A 254 11.31 -25.21 1.78
C GLN A 254 10.72 -24.74 3.13
N MET A 255 10.47 -23.44 3.25
CA MET A 255 9.83 -22.91 4.47
C MET A 255 8.45 -23.54 4.64
N LYS A 256 7.76 -23.77 3.52
CA LYS A 256 6.46 -24.41 3.54
C LYS A 256 6.51 -25.84 4.07
N LYS A 257 7.70 -26.43 4.12
CA LYS A 257 7.88 -27.79 4.60
C LYS A 257 8.50 -27.85 6.00
N ASP A 258 8.97 -26.72 6.49
CA ASP A 258 9.66 -26.67 7.77
C ASP A 258 8.72 -26.68 8.95
N PRO A 259 8.86 -27.68 9.85
CA PRO A 259 8.00 -27.81 11.03
C PRO A 259 8.10 -26.60 11.93
N GLN A 260 9.26 -25.97 11.98
CA GLN A 260 9.49 -24.85 12.90
C GLN A 260 8.84 -23.55 12.43
N ILE A 261 8.35 -23.55 11.20
CA ILE A 261 7.86 -22.33 10.56
C ILE A 261 6.38 -22.39 10.22
N ASN A 262 5.71 -21.29 10.53
CA ASN A 262 4.33 -21.04 10.16
C ASN A 262 4.38 -19.92 9.12
N LEU A 263 4.36 -20.30 7.84
CA LEU A 263 4.48 -19.33 6.76
C LEU A 263 3.10 -18.77 6.37
N LEU A 264 2.84 -17.52 6.74
CA LEU A 264 1.59 -16.86 6.34
C LEU A 264 1.75 -16.15 4.99
N GLU A 265 0.72 -16.21 4.16
CA GLU A 265 0.76 -15.54 2.85
C GLU A 265 -0.61 -14.98 2.47
N ARG A 266 -0.58 -13.93 1.65
CA ARG A 266 -1.78 -13.41 1.03
C ARG A 266 -1.39 -12.43 -0.08
N GLU A 267 -2.32 -12.17 -0.99
CA GLU A 267 -2.04 -11.31 -2.14
C GLU A 267 -1.79 -9.88 -1.70
N GLY A 268 -0.85 -9.23 -2.35
CA GLY A 268 -0.57 -7.84 -2.08
C GLY A 268 -1.64 -7.00 -2.75
N LEU A 269 -1.84 -5.78 -2.27
CA LEU A 269 -2.79 -4.86 -2.89
C LEU A 269 -2.08 -4.10 -4.00
N ASN A 270 -1.73 -4.83 -5.07
CA ASN A 270 -0.94 -4.29 -6.16
C ASN A 270 -1.33 -4.98 -7.45
N LEU A 271 -0.79 -4.51 -8.56
CA LEU A 271 -1.07 -5.10 -9.88
C LEU A 271 0.13 -4.90 -10.77
N ALA A 272 0.59 -5.97 -11.40
CA ALA A 272 1.62 -5.88 -12.41
C ALA A 272 0.89 -6.07 -13.71
N TYR A 273 1.15 -5.23 -14.69
CA TYR A 273 0.38 -5.27 -15.93
C TYR A 273 1.24 -4.86 -17.11
N ILE A 274 0.75 -5.11 -18.30
CA ILE A 274 1.37 -4.56 -19.50
C ILE A 274 0.55 -3.32 -19.86
N GLY A 275 1.19 -2.15 -19.87
CA GLY A 275 0.49 -0.93 -20.22
C GLY A 275 0.49 -0.83 -21.74
N LEU A 276 -0.59 -0.32 -22.31
CA LEU A 276 -0.66 -0.09 -23.75
C LEU A 276 -1.04 1.36 -24.01
N ASN A 277 -0.22 2.06 -24.79
CA ASN A 277 -0.50 3.45 -25.09
C ASN A 277 -1.61 3.54 -26.11
N THR A 278 -2.83 3.83 -25.67
CA THR A 278 -3.98 3.80 -26.56
C THR A 278 -4.07 4.98 -27.55
N THR A 279 -3.03 5.81 -27.62
CA THR A 279 -2.98 6.88 -28.61
C THR A 279 -2.08 6.51 -29.77
N LYS A 280 -1.39 5.38 -29.66
CA LYS A 280 -0.55 4.89 -30.75
C LYS A 280 -1.42 4.30 -31.85
N PRO A 281 -0.96 4.40 -33.10
CA PRO A 281 -1.82 4.05 -34.24
C PRO A 281 -2.49 2.69 -34.12
N GLU A 282 -1.73 1.63 -33.93
CA GLU A 282 -2.32 0.28 -33.88
C GLU A 282 -2.97 -0.01 -32.53
N LEU A 283 -2.34 0.47 -31.47
CA LEU A 283 -2.83 0.25 -30.11
C LEU A 283 -4.10 1.06 -29.80
N ASN A 284 -4.45 2.00 -30.68
CA ASN A 284 -5.70 2.75 -30.53
C ASN A 284 -6.92 1.90 -30.85
N ASN A 285 -6.67 0.75 -31.45
CA ASN A 285 -7.69 -0.14 -31.95
C ASN A 285 -8.03 -1.22 -30.92
N VAL A 286 -9.26 -1.22 -30.44
CA VAL A 286 -9.63 -2.09 -29.33
C VAL A 286 -9.41 -3.57 -29.64
N LYS A 287 -9.68 -3.97 -30.88
CA LYS A 287 -9.51 -5.38 -31.24
C LYS A 287 -8.03 -5.75 -31.20
N VAL A 288 -7.17 -4.81 -31.58
CA VAL A 288 -5.75 -5.08 -31.49
C VAL A 288 -5.34 -5.29 -30.04
N ARG A 289 -5.84 -4.44 -29.15
CA ARG A 289 -5.51 -4.58 -27.74
C ARG A 289 -6.02 -5.92 -27.21
N GLN A 290 -7.25 -6.28 -27.57
CA GLN A 290 -7.80 -7.58 -27.18
C GLN A 290 -6.95 -8.72 -27.69
N ALA A 291 -6.44 -8.59 -28.92
CA ALA A 291 -5.53 -9.59 -29.49
C ALA A 291 -4.25 -9.77 -28.67
N LEU A 292 -3.59 -8.67 -28.33
CA LEU A 292 -2.38 -8.72 -27.51
C LEU A 292 -2.64 -9.34 -26.16
N HIS A 293 -3.88 -9.14 -25.68
CA HIS A 293 -4.33 -9.69 -24.39
C HIS A 293 -4.45 -11.21 -24.51
N HIS A 294 -5.09 -11.67 -25.59
CA HIS A 294 -5.17 -13.10 -25.88
C HIS A 294 -3.80 -13.74 -26.04
N ALA A 295 -2.81 -12.95 -26.47
CA ALA A 295 -1.47 -13.46 -26.70
C ALA A 295 -0.53 -13.19 -25.53
N THR A 296 -1.11 -12.96 -24.35
CA THR A 296 -0.34 -12.76 -23.13
C THR A 296 -0.54 -13.99 -22.27
N ASP A 297 0.53 -14.79 -22.13
CA ASP A 297 0.49 -16.04 -21.37
C ASP A 297 0.72 -15.69 -19.90
N LYS A 298 -0.36 -15.39 -19.18
CA LYS A 298 -0.22 -14.91 -17.80
C LYS A 298 0.31 -16.00 -16.86
N LYS A 299 -0.17 -17.22 -17.02
CA LYS A 299 0.30 -18.33 -16.17
C LYS A 299 1.81 -18.55 -16.35
N ALA A 300 2.28 -18.54 -17.60
CA ALA A 300 3.72 -18.64 -17.87
C ALA A 300 4.51 -17.52 -17.19
N ILE A 301 4.02 -16.29 -17.30
CA ILE A 301 4.69 -15.15 -16.69
C ILE A 301 4.80 -15.29 -15.18
N VAL A 302 3.66 -15.55 -14.54
CA VAL A 302 3.64 -15.67 -13.09
C VAL A 302 4.54 -16.82 -12.66
N ASP A 303 4.44 -17.94 -13.37
CA ASP A 303 5.27 -19.11 -13.06
C ASP A 303 6.75 -18.82 -13.18
N ALA A 304 7.17 -18.25 -14.31
CA ALA A 304 8.58 -17.91 -14.53
C ALA A 304 9.09 -16.76 -13.67
N VAL A 305 8.30 -15.72 -13.54
CA VAL A 305 8.76 -14.49 -12.89
C VAL A 305 8.69 -14.49 -11.36
N TYR A 306 7.58 -14.97 -10.79
CA TYR A 306 7.37 -14.82 -9.35
C TYR A 306 7.82 -16.02 -8.52
N GLN A 307 8.24 -17.07 -9.20
CA GLN A 307 8.74 -18.27 -8.53
CA GLN A 307 8.73 -18.30 -8.55
C GLN A 307 7.87 -18.68 -7.34
N GLY A 308 6.56 -18.66 -7.55
CA GLY A 308 5.58 -19.05 -6.56
C GLY A 308 5.00 -17.88 -5.78
N GLY A 309 5.70 -16.76 -5.75
CA GLY A 309 5.29 -15.62 -4.96
C GLY A 309 4.39 -14.64 -5.70
N GLY A 310 3.40 -15.17 -6.40
CA GLY A 310 2.50 -14.32 -7.17
C GLY A 310 1.30 -15.09 -7.63
N THR A 311 0.23 -14.38 -7.99
CA THR A 311 -0.95 -15.04 -8.53
C THR A 311 -1.43 -14.32 -9.77
N VAL A 312 -2.00 -15.09 -10.68
CA VAL A 312 -2.55 -14.54 -11.93
C VAL A 312 -3.71 -13.59 -11.61
N ALA A 313 -3.66 -12.37 -12.16
CA ALA A 313 -4.74 -11.39 -11.95
C ALA A 313 -5.88 -11.57 -12.96
N THR A 314 -7.12 -11.55 -12.47
CA THR A 314 -8.28 -11.55 -13.36
C THR A 314 -8.93 -10.17 -13.39
N ASN A 315 -8.88 -9.50 -12.24
CA ASN A 315 -9.37 -8.13 -12.06
C ASN A 315 -8.17 -7.19 -11.90
N PRO A 316 -8.42 -5.87 -12.01
CA PRO A 316 -7.31 -4.94 -11.77
C PRO A 316 -6.92 -4.79 -10.29
N PHE A 317 -7.64 -5.47 -9.39
CA PHE A 317 -7.28 -5.54 -7.98
C PHE A 317 -7.64 -6.91 -7.44
N PRO A 318 -6.93 -7.38 -6.39
CA PRO A 318 -7.20 -8.72 -5.84
C PRO A 318 -8.56 -8.81 -5.13
N ASP A 319 -8.95 -10.02 -4.78
CA ASP A 319 -10.28 -10.24 -4.22
C ASP A 319 -10.45 -9.72 -2.80
N ALA A 320 -9.39 -9.15 -2.20
CA ALA A 320 -9.57 -8.46 -0.93
C ALA A 320 -10.23 -7.08 -1.11
N VAL A 321 -10.21 -6.55 -2.33
CA VAL A 321 -10.68 -5.19 -2.58
C VAL A 321 -12.15 -5.13 -2.94
N LEU A 322 -12.85 -4.12 -2.42
CA LEU A 322 -14.26 -3.89 -2.72
C LEU A 322 -14.50 -3.77 -4.23
N GLY A 323 -15.54 -4.45 -4.73
CA GLY A 323 -15.85 -4.42 -6.14
C GLY A 323 -15.29 -5.57 -6.98
N TYR A 324 -14.44 -6.40 -6.37
CA TYR A 324 -13.87 -7.55 -7.06
C TYR A 324 -14.98 -8.35 -7.73
N ASN A 325 -14.72 -8.84 -8.94
CA ASN A 325 -15.73 -9.59 -9.70
C ASN A 325 -15.23 -10.97 -10.13
N PRO A 326 -15.70 -12.01 -9.42
CA PRO A 326 -15.19 -13.37 -9.66
C PRO A 326 -15.54 -13.93 -11.04
N HIS A 327 -16.41 -13.25 -11.80
CA HIS A 327 -16.81 -13.78 -13.10
C HIS A 327 -16.58 -12.77 -14.22
N LEU A 328 -15.71 -11.81 -13.97
CA LEU A 328 -15.27 -10.90 -15.02
C LEU A 328 -14.77 -11.73 -16.21
N PRO A 329 -15.31 -11.46 -17.41
CA PRO A 329 -14.89 -12.22 -18.59
C PRO A 329 -13.41 -12.01 -18.86
N GLN A 330 -12.72 -13.07 -19.29
CA GLN A 330 -11.28 -13.04 -19.52
C GLN A 330 -10.96 -13.25 -20.99
N TYR A 331 -9.83 -12.70 -21.42
CA TYR A 331 -9.32 -12.98 -22.75
C TYR A 331 -8.33 -14.13 -22.61
N GLU A 332 -8.83 -15.36 -22.68
CA GLU A 332 -7.99 -16.52 -22.44
C GLU A 332 -6.80 -16.57 -23.40
N PHE A 333 -5.69 -17.16 -22.96
CA PHE A 333 -4.49 -17.23 -23.80
C PHE A 333 -4.71 -18.21 -24.96
N ASN A 334 -4.69 -17.66 -26.17
CA ASN A 334 -4.98 -18.40 -27.38
C ASN A 334 -4.39 -17.64 -28.55
N LEU A 335 -3.25 -18.09 -29.03
CA LEU A 335 -2.55 -17.40 -30.11
C LEU A 335 -3.34 -17.42 -31.42
N GLU A 336 -3.98 -18.55 -31.70
CA GLU A 336 -4.76 -18.70 -32.92
C GLU A 336 -5.88 -17.65 -32.94
N LYS A 337 -6.59 -17.53 -31.83
CA LYS A 337 -7.63 -16.51 -31.70
C LYS A 337 -7.04 -15.11 -31.80
N ALA A 338 -5.86 -14.92 -31.22
CA ALA A 338 -5.20 -13.61 -31.24
C ALA A 338 -4.85 -13.17 -32.66
N LYS A 339 -4.23 -14.06 -33.43
CA LYS A 339 -3.89 -13.73 -34.81
C LYS A 339 -5.14 -13.44 -35.65
N ALA A 340 -6.20 -14.20 -35.41
CA ALA A 340 -7.46 -13.99 -36.15
C ALA A 340 -8.07 -12.61 -35.85
N LEU A 341 -8.08 -12.22 -34.57
CA LEU A 341 -8.54 -10.90 -34.16
C LEU A 341 -7.74 -9.80 -34.82
N LEU A 342 -6.42 -9.98 -34.91
CA LEU A 342 -5.56 -9.04 -35.60
C LEU A 342 -5.93 -8.84 -37.07
N ALA A 343 -6.21 -9.95 -37.77
CA ALA A 343 -6.67 -9.88 -39.15
C ALA A 343 -7.97 -9.08 -39.21
N GLU A 344 -8.91 -9.47 -38.36
CA GLU A 344 -10.18 -8.74 -38.23
C GLU A 344 -10.00 -7.24 -38.06
N ALA A 345 -9.01 -6.83 -37.28
CA ALA A 345 -8.76 -5.41 -37.01
C ALA A 345 -8.05 -4.71 -38.17
N GLY A 346 -7.71 -5.47 -39.21
CA GLY A 346 -7.08 -4.91 -40.40
C GLY A 346 -5.57 -5.10 -40.47
N TYR A 347 -5.07 -6.02 -39.67
CA TYR A 347 -3.63 -6.27 -39.61
C TYR A 347 -3.31 -7.73 -39.87
N PRO A 348 -3.33 -8.15 -41.14
CA PRO A 348 -3.05 -9.56 -41.47
C PRO A 348 -1.58 -9.92 -41.30
N ASN A 349 -0.69 -8.94 -41.40
CA ASN A 349 0.74 -9.19 -41.16
C ASN A 349 1.22 -8.62 -39.83
N GLY A 350 0.29 -8.27 -38.95
CA GLY A 350 0.62 -7.64 -37.69
C GLY A 350 1.31 -6.31 -37.91
N PHE A 351 2.29 -6.00 -37.06
CA PHE A 351 2.96 -4.71 -37.09
C PHE A 351 4.19 -4.70 -36.18
N GLU A 352 4.95 -3.61 -36.20
CA GLU A 352 6.10 -3.50 -35.32
C GLU A 352 5.78 -2.55 -34.18
N THR A 353 6.36 -2.83 -33.02
CA THR A 353 6.10 -2.00 -31.84
C THR A 353 7.26 -2.16 -30.85
N GLU A 354 7.08 -1.69 -29.62
CA GLU A 354 8.13 -1.77 -28.62
C GLU A 354 7.56 -2.17 -27.28
N ILE A 355 8.35 -2.88 -26.48
CA ILE A 355 7.99 -3.15 -25.10
C ILE A 355 9.03 -2.49 -24.20
N TRP A 356 8.62 -1.45 -23.49
CA TRP A 356 9.49 -0.78 -22.54
C TRP A 356 9.66 -1.61 -21.28
N VAL A 357 10.90 -2.05 -21.02
CA VAL A 357 11.21 -2.84 -19.82
C VAL A 357 11.48 -1.94 -18.61
N GLN A 358 10.86 -2.24 -17.48
CA GLN A 358 11.09 -1.48 -16.25
C GLN A 358 12.48 -1.80 -15.67
N PRO A 359 13.32 -0.78 -15.47
CA PRO A 359 14.71 -1.04 -15.14
C PRO A 359 14.99 -1.17 -13.62
N VAL A 360 14.01 -0.83 -12.79
CA VAL A 360 14.19 -0.90 -11.34
C VAL A 360 13.13 -1.81 -10.74
N VAL A 361 13.56 -2.96 -10.23
CA VAL A 361 12.63 -3.96 -9.72
C VAL A 361 11.80 -3.47 -8.53
N ARG A 362 10.52 -3.81 -8.56
CA ARG A 362 9.60 -3.53 -7.48
C ARG A 362 8.93 -4.83 -7.09
N PRO A 363 8.43 -4.90 -5.84
CA PRO A 363 7.75 -6.11 -5.35
C PRO A 363 6.62 -6.54 -6.27
N SER A 364 5.88 -5.60 -6.84
CA SER A 364 4.80 -5.93 -7.78
C SER A 364 5.30 -6.77 -8.95
N ASN A 365 6.55 -6.57 -9.35
CA ASN A 365 7.15 -7.39 -10.41
C ASN A 365 8.68 -7.53 -10.26
N PRO A 366 9.12 -8.69 -9.73
CA PRO A 366 10.55 -8.94 -9.45
C PRO A 366 11.41 -9.22 -10.68
N ASN A 367 10.80 -9.29 -11.86
CA ASN A 367 11.56 -9.54 -13.09
C ASN A 367 10.84 -9.03 -14.34
N PRO A 368 10.77 -7.70 -14.51
CA PRO A 368 10.15 -7.10 -15.69
C PRO A 368 10.84 -7.57 -16.98
N ARG A 369 12.15 -7.77 -16.94
CA ARG A 369 12.88 -8.18 -18.14
CA ARG A 369 12.89 -8.19 -18.13
C ARG A 369 12.38 -9.53 -18.65
N ARG A 370 12.23 -10.48 -17.75
CA ARG A 370 11.73 -11.80 -18.16
C ARG A 370 10.27 -11.75 -18.58
N THR A 371 9.47 -10.95 -17.88
CA THR A 371 8.10 -10.67 -18.29
C THR A 371 8.12 -10.21 -19.75
N ALA A 372 8.91 -9.19 -20.04
CA ALA A 372 8.97 -8.65 -21.39
C ALA A 372 9.37 -9.71 -22.43
N GLU A 373 10.33 -10.56 -22.07
CA GLU A 373 10.85 -11.55 -23.02
C GLU A 373 9.79 -12.58 -23.40
N ILE A 374 9.04 -13.03 -22.40
CA ILE A 374 8.01 -14.05 -22.63
C ILE A 374 6.94 -13.49 -23.56
N ILE A 375 6.52 -12.28 -23.26
CA ILE A 375 5.52 -11.61 -24.09
C ILE A 375 6.02 -11.37 -25.50
N GLN A 376 7.25 -10.88 -25.63
CA GLN A 376 7.87 -10.69 -26.94
C GLN A 376 7.80 -11.96 -27.81
N ALA A 377 8.09 -13.11 -27.23
CA ALA A 377 8.12 -14.38 -27.97
C ALA A 377 6.76 -14.84 -28.46
N ASP A 378 5.74 -14.66 -27.62
CA ASP A 378 4.37 -15.00 -28.02
C ASP A 378 3.84 -13.98 -29.02
N TRP A 379 4.05 -12.70 -28.74
CA TRP A 379 3.58 -11.69 -29.68
C TRP A 379 4.19 -11.91 -31.08
N ALA A 380 5.46 -12.31 -31.14
CA ALA A 380 6.11 -12.56 -32.43
C ALA A 380 5.39 -13.62 -33.24
N LYS A 381 4.93 -14.65 -32.56
CA LYS A 381 4.19 -15.74 -33.21
C LYS A 381 2.89 -15.29 -33.88
N ILE A 382 2.36 -14.13 -33.51
CA ILE A 382 1.16 -13.63 -34.20
C ILE A 382 1.48 -12.45 -35.11
N GLY A 383 2.76 -12.27 -35.39
CA GLY A 383 3.18 -11.25 -36.34
C GLY A 383 3.41 -9.88 -35.74
N VAL A 384 3.36 -9.78 -34.41
CA VAL A 384 3.66 -8.51 -33.74
C VAL A 384 5.13 -8.50 -33.34
N LYS A 385 5.91 -7.63 -33.98
CA LYS A 385 7.35 -7.61 -33.77
C LYS A 385 7.71 -6.50 -32.78
N ALA A 386 7.86 -6.88 -31.52
CA ALA A 386 8.08 -5.91 -30.46
C ALA A 386 9.52 -5.99 -29.93
N LYS A 387 10.27 -4.94 -30.17
CA LYS A 387 11.64 -4.81 -29.65
C LYS A 387 11.61 -4.44 -28.17
N LEU A 388 12.45 -5.08 -27.36
CA LEU A 388 12.58 -4.71 -25.96
C LEU A 388 13.41 -3.43 -25.88
N VAL A 389 12.92 -2.47 -25.11
CA VAL A 389 13.54 -1.16 -25.02
C VAL A 389 13.91 -0.85 -23.59
N THR A 390 15.16 -0.45 -23.41
CA THR A 390 15.72 -0.18 -22.10
C THR A 390 15.91 1.33 -21.88
N HIS A 391 15.63 1.78 -20.67
CA HIS A 391 15.72 3.20 -20.32
C HIS A 391 16.15 3.29 -18.87
N GLU A 392 16.75 4.41 -18.46
CA GLU A 392 17.02 4.61 -17.04
CA GLU A 392 17.02 4.65 -17.05
C GLU A 392 15.71 4.98 -16.35
N TRP A 393 15.66 4.73 -15.05
CA TRP A 393 14.44 4.86 -14.24
CA TRP A 393 14.45 4.87 -14.24
C TRP A 393 13.68 6.15 -14.53
N ALA A 394 14.34 7.29 -14.35
CA ALA A 394 13.68 8.57 -14.56
C ALA A 394 13.12 8.76 -15.96
N ASP A 395 13.87 8.34 -16.98
CA ASP A 395 13.44 8.48 -18.37
C ASP A 395 12.24 7.59 -18.63
N PHE A 396 12.35 6.36 -18.17
CA PHE A 396 11.31 5.34 -18.30
C PHE A 396 9.99 5.92 -17.82
N ASN A 397 10.01 6.50 -16.63
CA ASN A 397 8.81 7.10 -16.05
C ASN A 397 8.32 8.36 -16.74
N LYS A 398 9.23 9.28 -17.06
CA LYS A 398 8.81 10.56 -17.62
C LYS A 398 8.28 10.37 -19.05
N ARG A 399 8.95 9.56 -19.84
CA ARG A 399 8.49 9.40 -21.22
C ARG A 399 7.30 8.47 -21.33
N THR A 400 7.03 7.70 -20.29
CA THR A 400 5.83 6.90 -20.25
C THR A 400 4.65 7.83 -19.98
N ARG A 401 4.76 8.66 -18.92
CA ARG A 401 3.73 9.64 -18.59
CA ARG A 401 3.73 9.63 -18.59
C ARG A 401 3.40 10.51 -19.79
N GLU A 402 4.42 10.88 -20.56
CA GLU A 402 4.22 11.75 -21.71
C GLU A 402 3.70 11.06 -22.97
N GLY A 403 3.57 9.74 -22.93
CA GLY A 403 2.99 9.02 -24.05
C GLY A 403 3.93 8.64 -25.18
N GLU A 404 5.22 8.60 -24.90
CA GLU A 404 6.19 8.11 -25.89
C GLU A 404 6.21 6.59 -26.06
N PHE A 405 5.87 5.85 -25.01
CA PHE A 405 5.97 4.40 -25.09
C PHE A 405 4.85 3.83 -25.96
N ALA A 406 5.01 2.56 -26.32
CA ALA A 406 3.99 1.78 -27.01
C ALA A 406 3.38 0.79 -26.02
N ALA A 407 4.15 -0.26 -25.70
CA ALA A 407 3.80 -1.20 -24.64
C ALA A 407 4.86 -1.15 -23.55
N GLY A 408 4.51 -1.59 -22.34
CA GLY A 408 5.50 -1.65 -21.27
C GLY A 408 5.07 -2.46 -20.07
N THR A 409 6.05 -2.73 -19.22
CA THR A 409 5.87 -3.52 -18.00
C THR A 409 5.78 -2.57 -16.83
N TYR A 410 4.60 -2.48 -16.23
CA TYR A 410 4.36 -1.53 -15.18
C TYR A 410 3.70 -2.21 -13.99
N GLY A 411 3.66 -1.50 -12.87
CA GLY A 411 3.00 -1.99 -11.69
C GLY A 411 2.38 -0.85 -10.92
N TRP A 412 1.36 -1.18 -10.14
CA TRP A 412 0.74 -0.18 -9.26
C TRP A 412 0.48 -0.79 -7.89
N THR A 413 0.71 0.00 -6.85
CA THR A 413 0.39 -0.40 -5.48
C THR A 413 -0.59 0.58 -4.88
N SER A 414 -1.68 0.06 -4.33
CA SER A 414 -2.66 0.89 -3.64
C SER A 414 -2.25 1.08 -2.19
N ARG A 415 -2.29 2.31 -1.69
CA ARG A 415 -1.88 2.57 -0.32
CA ARG A 415 -1.89 2.59 -0.32
C ARG A 415 -3.01 2.47 0.70
N ASN A 416 -4.27 2.67 0.27
CA ASN A 416 -5.41 2.55 1.19
C ASN A 416 -6.30 1.34 0.89
N GLY A 417 -5.99 0.65 -0.20
CA GLY A 417 -6.71 -0.55 -0.59
C GLY A 417 -8.13 -0.38 -1.07
N ASP A 418 -8.57 0.84 -1.35
CA ASP A 418 -9.92 1.06 -1.89
C ASP A 418 -9.92 0.92 -3.41
N PRO A 419 -11.02 0.40 -3.99
CA PRO A 419 -11.09 0.30 -5.46
C PRO A 419 -10.85 1.63 -6.15
N ASP A 420 -11.29 2.73 -5.54
CA ASP A 420 -11.03 4.07 -6.07
C ASP A 420 -9.54 4.34 -6.24
N ASN A 421 -8.73 3.79 -5.34
CA ASN A 421 -7.30 4.04 -5.33
C ASN A 421 -6.53 3.05 -6.22
N PHE A 422 -7.27 2.24 -6.98
CA PHE A 422 -6.71 1.51 -8.12
C PHE A 422 -7.22 2.21 -9.40
N LEU A 423 -8.53 2.28 -9.55
CA LEU A 423 -9.14 2.68 -10.82
C LEU A 423 -9.01 4.15 -11.20
N PHE A 424 -9.07 5.04 -10.22
CA PHE A 424 -8.91 6.46 -10.53
C PHE A 424 -7.46 6.81 -10.92
N PRO A 425 -6.47 6.37 -10.14
CA PRO A 425 -5.09 6.67 -10.57
C PRO A 425 -4.76 6.09 -11.95
N LEU A 426 -5.22 4.87 -12.22
CA LEU A 426 -4.86 4.17 -13.45
C LEU A 426 -5.65 4.62 -14.69
N PHE A 427 -6.89 5.04 -14.50
CA PHE A 427 -7.80 5.17 -15.64
C PHE A 427 -8.58 6.49 -15.74
N SER A 428 -8.36 7.41 -14.81
CA SER A 428 -9.09 8.69 -14.89
C SER A 428 -8.49 9.59 -15.96
N GLN A 429 -9.36 10.30 -16.67
CA GLN A 429 -8.91 11.31 -17.61
C GLN A 429 -8.00 12.31 -16.91
N ALA A 430 -8.29 12.56 -15.64
CA ALA A 430 -7.57 13.61 -14.93
C ALA A 430 -6.10 13.28 -14.69
N ASN A 431 -5.75 12.00 -14.84
CA ASN A 431 -4.40 11.55 -14.64
C ASN A 431 -3.63 11.35 -15.94
N ILE A 432 -4.03 12.10 -16.96
CA ILE A 432 -3.25 12.19 -18.21
C ILE A 432 -2.84 13.64 -18.46
N PRO A 433 -1.54 13.90 -18.66
CA PRO A 433 -0.42 12.97 -18.50
C PRO A 433 -0.19 12.71 -17.02
N GLY A 434 0.11 11.46 -16.66
CA GLY A 434 0.27 11.13 -15.24
C GLY A 434 0.17 9.64 -15.01
N THR A 435 -0.55 9.26 -13.96
CA THR A 435 -0.54 7.84 -13.56
C THR A 435 -1.37 6.96 -14.50
N ASN A 436 -2.13 7.58 -15.39
CA ASN A 436 -2.93 6.83 -16.36
C ASN A 436 -2.05 6.73 -17.58
N TYR A 437 -1.18 5.72 -17.55
CA TYR A 437 -0.17 5.51 -18.57
C TYR A 437 -0.80 5.19 -19.93
N SER A 438 -1.83 4.34 -19.91
CA SER A 438 -2.49 3.94 -21.15
C SER A 438 -3.20 5.08 -21.89
N ARG A 439 -3.55 6.15 -21.16
CA ARG A 439 -4.26 7.31 -21.73
C ARG A 439 -5.69 6.99 -22.11
N TRP A 440 -6.20 5.85 -21.66
CA TRP A 440 -7.57 5.47 -21.97
C TRP A 440 -8.56 6.25 -21.11
N THR A 441 -9.69 6.60 -21.72
CA THR A 441 -10.78 7.26 -21.00
CA THR A 441 -10.78 7.22 -20.98
C THR A 441 -12.11 6.83 -21.59
N ASP A 442 -13.15 6.84 -20.77
CA ASP A 442 -14.49 6.54 -21.23
C ASP A 442 -15.49 7.32 -20.39
N GLU A 443 -16.42 8.01 -21.06
CA GLU A 443 -17.30 8.96 -20.40
C GLU A 443 -18.10 8.29 -19.31
N LYS A 444 -18.69 7.15 -19.62
CA LYS A 444 -19.51 6.42 -18.65
C LYS A 444 -18.68 5.88 -17.50
N PHE A 445 -17.53 5.31 -17.84
CA PHE A 445 -16.59 4.77 -16.86
C PHE A 445 -16.20 5.89 -15.88
N GLU A 446 -15.87 7.06 -16.41
CA GLU A 446 -15.43 8.17 -15.54
C GLU A 446 -16.56 8.63 -14.61
N ALA A 447 -17.80 8.59 -15.09
CA ALA A 447 -18.95 8.96 -14.28
C ALA A 447 -19.19 7.97 -13.15
N LEU A 448 -19.03 6.67 -13.44
CA LEU A 448 -19.15 5.66 -12.41
C LEU A 448 -18.08 5.85 -11.32
N LEU A 449 -16.86 6.20 -11.69
CA LEU A 449 -15.81 6.39 -10.68
C LEU A 449 -16.17 7.56 -9.77
N ALA A 450 -16.66 8.64 -10.37
CA ALA A 450 -17.00 9.81 -9.59
C ALA A 450 -18.18 9.51 -8.63
N SER A 451 -19.22 8.88 -9.15
CA SER A 451 -20.37 8.49 -8.32
C SER A 451 -19.94 7.59 -7.19
N ALA A 452 -19.11 6.60 -7.50
CA ALA A 452 -18.70 5.60 -6.51
C ALA A 452 -17.83 6.21 -5.43
N ALA A 453 -16.96 7.14 -5.78
CA ALA A 453 -16.13 7.86 -4.81
C ALA A 453 -16.90 8.79 -3.90
N GLN A 454 -18.14 9.10 -4.27
CA GLN A 454 -18.94 10.09 -3.56
C GLN A 454 -20.20 9.51 -2.93
N ILE A 455 -20.31 8.19 -2.99
CA ILE A 455 -21.41 7.46 -2.38
C ILE A 455 -20.86 6.68 -1.19
N GLN A 456 -21.61 6.67 -0.08
CA GLN A 456 -21.15 6.05 1.17
C GLN A 456 -21.40 4.55 1.23
N ASP A 457 -22.61 4.15 0.85
CA ASP A 457 -23.07 2.79 1.05
C ASP A 457 -22.18 1.76 0.36
N THR A 458 -21.72 0.78 1.14
CA THR A 458 -20.72 -0.17 0.65
C THR A 458 -21.20 -1.00 -0.54
N GLN A 459 -22.35 -1.64 -0.41
CA GLN A 459 -22.84 -2.48 -1.51
C GLN A 459 -23.20 -1.65 -2.75
N THR A 460 -23.61 -0.41 -2.55
CA THR A 460 -23.94 0.42 -3.70
C THR A 460 -22.65 0.73 -4.46
N ARG A 461 -21.58 1.04 -3.71
CA ARG A 461 -20.24 1.25 -4.28
C ARG A 461 -19.73 0.02 -5.04
N ALA A 462 -19.91 -1.16 -4.44
CA ALA A 462 -19.40 -2.38 -5.04
C ALA A 462 -19.99 -2.62 -6.42
N LYS A 463 -21.29 -2.43 -6.55
CA LYS A 463 -21.95 -2.62 -7.84
C LYS A 463 -21.46 -1.59 -8.86
N LEU A 464 -21.28 -0.35 -8.42
CA LEU A 464 -20.78 0.68 -9.31
C LEU A 464 -19.38 0.29 -9.81
N TYR A 465 -18.52 -0.17 -8.90
CA TYR A 465 -17.17 -0.57 -9.29
C TYR A 465 -17.19 -1.77 -10.23
N GLN A 466 -18.09 -2.71 -9.98
CA GLN A 466 -18.16 -3.87 -10.86
C GLN A 466 -18.53 -3.43 -12.28
N GLN A 467 -19.43 -2.45 -12.37
CA GLN A 467 -19.85 -1.92 -13.63
C GLN A 467 -18.72 -1.20 -14.33
N ALA A 468 -17.98 -0.37 -13.60
CA ALA A 468 -16.81 0.32 -14.16
C ALA A 468 -15.75 -0.64 -14.66
N VAL A 469 -15.47 -1.67 -13.88
CA VAL A 469 -14.45 -2.65 -14.28
C VAL A 469 -14.87 -3.43 -15.53
N GLU A 470 -16.15 -3.73 -15.70
CA GLU A 470 -16.61 -4.42 -16.92
CA GLU A 470 -16.59 -4.42 -16.91
C GLU A 470 -16.35 -3.57 -18.16
N ILE A 471 -16.53 -2.26 -18.04
CA ILE A 471 -16.25 -1.35 -19.16
C ILE A 471 -14.76 -1.31 -19.46
N PHE A 472 -13.97 -1.12 -18.42
CA PHE A 472 -12.50 -1.21 -18.56
C PHE A 472 -12.07 -2.52 -19.25
N GLN A 473 -12.61 -3.65 -18.80
CA GLN A 473 -12.19 -4.95 -19.36
C GLN A 473 -12.55 -5.09 -20.84
N GLN A 474 -13.75 -4.64 -21.22
CA GLN A 474 -14.21 -4.66 -22.60
CA GLN A 474 -14.19 -4.68 -22.60
C GLN A 474 -13.24 -3.92 -23.54
N ASN A 475 -12.60 -2.89 -23.01
CA ASN A 475 -11.71 -2.05 -23.80
C ASN A 475 -10.23 -2.39 -23.68
N SER A 476 -9.89 -3.22 -22.69
CA SER A 476 -8.52 -3.75 -22.53
C SER A 476 -7.38 -2.72 -22.72
N PRO A 477 -7.45 -1.57 -22.02
CA PRO A 477 -6.37 -0.58 -22.21
C PRO A 477 -5.02 -0.99 -21.59
N ILE A 478 -5.06 -1.81 -20.56
CA ILE A 478 -3.87 -2.46 -20.04
C ILE A 478 -4.23 -3.93 -19.91
N ILE A 479 -3.20 -4.77 -19.81
CA ILE A 479 -3.40 -6.20 -19.64
C ILE A 479 -2.90 -6.58 -18.25
N PRO A 480 -3.83 -6.70 -17.29
CA PRO A 480 -3.42 -7.16 -15.96
C PRO A 480 -2.88 -8.58 -16.05
N PHE A 481 -1.79 -8.89 -15.35
CA PHE A 481 -1.35 -10.28 -15.28
C PHE A 481 -1.02 -10.85 -13.89
N ALA A 482 -0.67 -10.03 -12.91
CA ALA A 482 -0.30 -10.58 -11.61
C ALA A 482 -0.57 -9.67 -10.43
N HIS A 483 -0.84 -10.30 -9.30
CA HIS A 483 -0.68 -9.66 -8.01
C HIS A 483 0.47 -10.37 -7.31
N SER A 484 1.27 -9.63 -6.56
CA SER A 484 2.35 -10.31 -5.83
C SER A 484 1.76 -10.95 -4.59
N ILE A 485 2.47 -11.92 -4.02
CA ILE A 485 2.08 -12.48 -2.73
C ILE A 485 3.01 -11.99 -1.63
N ASN A 486 2.43 -11.56 -0.51
CA ASN A 486 3.25 -11.17 0.63
C ASN A 486 3.41 -12.33 1.58
N TYR A 487 4.60 -12.48 2.14
CA TYR A 487 4.86 -13.54 3.09
C TYR A 487 5.25 -12.99 4.45
N VAL A 488 4.71 -13.60 5.50
CA VAL A 488 5.22 -13.37 6.85
C VAL A 488 5.63 -14.72 7.45
N PRO A 489 6.94 -15.01 7.42
CA PRO A 489 7.42 -16.27 8.00
C PRO A 489 7.53 -16.15 9.53
N LEU A 490 6.78 -16.99 10.24
CA LEU A 490 6.78 -16.95 11.69
C LEU A 490 7.35 -18.22 12.31
N ASN A 491 8.00 -18.09 13.45
CA ASN A 491 8.31 -19.28 14.24
C ASN A 491 7.02 -19.86 14.81
N LYS A 492 7.00 -21.18 14.98
CA LYS A 492 5.80 -21.91 15.38
C LYS A 492 5.25 -21.46 16.75
N ARG A 493 6.11 -20.84 17.56
CA ARG A 493 5.72 -20.41 18.91
C ARG A 493 4.78 -19.21 18.94
N VAL A 494 4.79 -18.39 17.90
CA VAL A 494 3.99 -17.15 17.94
C VAL A 494 2.55 -17.39 17.51
N GLN A 495 1.62 -16.94 18.34
CA GLN A 495 0.20 -17.18 18.14
C GLN A 495 -0.59 -15.88 18.08
N GLY A 496 -1.58 -15.83 17.21
CA GLY A 496 -2.52 -14.72 17.17
C GLY A 496 -2.10 -13.58 16.27
N PHE A 497 -1.04 -13.82 15.49
CA PHE A 497 -0.61 -12.84 14.52
C PHE A 497 -1.53 -12.94 13.32
N VAL A 498 -2.02 -11.79 12.86
CA VAL A 498 -2.87 -11.74 11.67
C VAL A 498 -2.18 -10.93 10.59
N GLN A 499 -2.05 -11.49 9.40
CA GLN A 499 -1.36 -10.79 8.33
C GLN A 499 -2.18 -9.59 7.93
N ASN A 500 -1.52 -8.46 7.71
CA ASN A 500 -2.15 -7.20 7.40
C ASN A 500 -2.12 -7.00 5.88
N PRO A 501 -3.27 -6.67 5.26
CA PRO A 501 -3.34 -6.52 3.80
C PRO A 501 -2.30 -5.52 3.26
N PHE A 502 -1.97 -4.52 4.06
CA PHE A 502 -1.01 -3.49 3.64
C PHE A 502 0.44 -3.91 3.82
N GLY A 503 0.63 -5.06 4.47
CA GLY A 503 1.95 -5.64 4.66
C GLY A 503 2.59 -5.35 6.02
N TYR A 504 1.95 -4.53 6.84
CA TYR A 504 2.59 -4.16 8.11
C TYR A 504 2.52 -5.26 9.14
N THR A 505 3.35 -5.16 10.17
CA THR A 505 3.39 -6.18 11.23
C THR A 505 3.07 -5.56 12.60
N ALA A 506 1.87 -5.82 13.11
CA ALA A 506 1.49 -5.38 14.45
C ALA A 506 1.60 -6.55 15.43
N PHE A 507 2.17 -6.32 16.59
CA PHE A 507 2.40 -7.39 17.55
C PHE A 507 1.45 -7.37 18.76
N TYR A 508 0.56 -6.37 18.80
CA TYR A 508 -0.52 -6.39 19.79
C TYR A 508 -1.43 -7.57 19.47
N GLY A 509 -1.94 -8.24 20.49
CA GLY A 509 -2.78 -9.41 20.26
C GLY A 509 -1.99 -10.69 20.01
N VAL A 510 -0.67 -10.57 19.87
CA VAL A 510 0.18 -11.74 19.64
C VAL A 510 0.72 -12.31 20.96
N SER A 511 0.83 -13.63 21.01
CA SER A 511 1.33 -14.32 22.19
C SER A 511 2.37 -15.39 21.83
N LEU A 512 3.13 -15.81 22.84
CA LEU A 512 4.25 -16.75 22.66
C LEU A 512 4.10 -18.07 23.45
N LYS A 513 4.14 -19.19 22.74
CA LYS A 513 4.05 -20.51 23.36
C LYS A 513 5.36 -20.91 24.03
N LEU A 514 5.33 -22.05 24.73
CA LEU A 514 6.50 -22.59 25.41
C LEU A 514 6.85 -21.76 26.65
#